data_7K3Q
#
_entry.id   7K3Q
#
_cell.length_a   58.014
_cell.length_b   85.722
_cell.length_c   86.306
_cell.angle_alpha   90.000
_cell.angle_beta   90.000
_cell.angle_gamma   90.000
#
_symmetry.space_group_name_H-M   'P 21 21 21'
#
loop_
_entity.id
_entity.type
_entity.pdbx_description
1 polymer 'Fab fragment of S2E12 monoclonal antibody, heavy chain'
2 polymer 'Fab fragment of S2E12 monoclonal antibody, light chain'
3 non-polymer GLYCEROL
4 non-polymer 1,2-ETHANEDIOL
5 water water
#
loop_
_entity_poly.entity_id
_entity_poly.type
_entity_poly.pdbx_seq_one_letter_code
_entity_poly.pdbx_strand_id
1 'polypeptide(L)'
;QVQLVQSGPEVKKPGTSVRVSCKASGFTFTSSAVQWVRQARGQRLEWVGWIVVGSGNTNYAQKFHERVTITRDMSTSTAY
MELSSLRSEDTAVYYCASPYCSGGSCSDGFDIWGQGTMVTVSSASTKGPSVFPLAPSSKSTSGGTAALGCLVKDYFPEPV
TVSWNSGALTSGVHTFPAVLQSSGLYSLSSVVTVPSSSLGTQTYICNVNHKPSNTKVDKKVEPKSC
;
H
2 'polypeptide(L)'
;DIVLTQTPGTLSLSPGERATLSCRASQSVSSSYLAWYQQKPGQAPRLLIYGASSRATGIPDRFSGSGSGTDFTLTISRLE
PEDFAVYYCQQYVGLTGWTFGQGTKVEIKRTVAAPSVFIFPPSDEQLKSGTASVVCLLNNFYPREAKVQWKVDNALQSGN
SQESVTEQDSKDSTYSLSSTLTLSKADYEKHKVYACEVTHQGLSSPVTKSFNRGEC
;
L
#
# COMPACT_ATOMS: atom_id res chain seq x y z
N GLN A 1 -21.15 0.68 -17.93
CA GLN A 1 -21.14 -0.20 -16.72
C GLN A 1 -21.50 0.63 -15.48
N VAL A 2 -21.77 -0.04 -14.36
CA VAL A 2 -22.05 0.59 -13.04
C VAL A 2 -20.70 1.02 -12.44
N GLN A 3 -20.48 2.32 -12.22
CA GLN A 3 -19.19 2.79 -11.68
C GLN A 3 -19.32 4.14 -10.99
N LEU A 4 -18.38 4.39 -10.08
CA LEU A 4 -18.05 5.74 -9.55
C LEU A 4 -16.63 6.05 -9.99
N VAL A 5 -16.42 7.20 -10.61
CA VAL A 5 -15.09 7.65 -11.09
C VAL A 5 -14.71 8.92 -10.34
N GLN A 6 -13.57 8.87 -9.65
CA GLN A 6 -13.08 9.99 -8.80
C GLN A 6 -12.07 10.83 -9.58
N SER A 7 -11.89 12.08 -9.15
CA SER A 7 -10.90 13.03 -9.69
C SER A 7 -9.48 12.54 -9.34
N GLY A 8 -8.48 13.15 -9.96
CA GLY A 8 -7.08 12.70 -9.90
C GLY A 8 -6.40 13.09 -8.59
N PRO A 9 -5.12 12.68 -8.42
CA PRO A 9 -4.41 12.89 -7.17
C PRO A 9 -4.21 14.38 -6.85
N GLU A 10 -4.15 14.69 -5.57
CA GLU A 10 -4.05 16.07 -5.04
C GLU A 10 -2.81 16.14 -4.14
N VAL A 11 -2.05 17.22 -4.27
CA VAL A 11 -0.89 17.52 -3.39
C VAL A 11 -1.10 18.93 -2.85
N LYS A 12 -1.18 19.06 -1.53
CA LYS A 12 -1.66 20.28 -0.84
C LYS A 12 -0.71 20.65 0.30
N LYS A 13 -0.49 21.94 0.50
CA LYS A 13 0.28 22.48 1.65
C LYS A 13 -0.63 22.49 2.86
N PRO A 14 -0.07 22.47 4.09
CA PRO A 14 -0.88 22.56 5.30
C PRO A 14 -1.74 23.83 5.32
N GLY A 15 -2.98 23.70 5.80
CA GLY A 15 -3.92 24.82 6.00
C GLY A 15 -4.84 25.02 4.81
N THR A 16 -4.55 24.37 3.67
CA THR A 16 -5.32 24.53 2.41
C THR A 16 -6.56 23.66 2.44
N SER A 17 -7.37 23.73 1.38
CA SER A 17 -8.57 22.90 1.17
CA SER A 17 -8.57 22.89 1.18
C SER A 17 -8.37 22.04 -0.08
N VAL A 18 -9.01 20.87 -0.09
CA VAL A 18 -9.02 19.96 -1.26
C VAL A 18 -10.48 19.62 -1.57
N ARG A 19 -10.81 19.55 -2.86
CA ARG A 19 -12.14 19.13 -3.34
CA ARG A 19 -12.15 19.14 -3.35
C ARG A 19 -11.97 17.89 -4.22
N VAL A 20 -12.55 16.77 -3.79
CA VAL A 20 -12.51 15.49 -4.55
C VAL A 20 -13.90 15.24 -5.14
N SER A 21 -13.98 14.89 -6.43
CA SER A 21 -15.26 14.62 -7.12
C SER A 21 -15.45 13.11 -7.28
N CYS A 22 -16.71 12.71 -7.42
CA CYS A 22 -17.18 11.32 -7.50
C CYS A 22 -18.33 11.26 -8.51
N LYS A 23 -18.05 10.82 -9.73
CA LYS A 23 -18.97 10.82 -10.89
C LYS A 23 -19.63 9.43 -11.02
N ALA A 24 -20.96 9.38 -10.94
CA ALA A 24 -21.75 8.14 -11.06
C ALA A 24 -22.20 7.94 -12.52
N SER A 25 -22.13 6.71 -13.01
CA SER A 25 -22.72 6.29 -14.31
C SER A 25 -23.21 4.84 -14.21
N GLY A 26 -24.22 4.50 -15.01
CA GLY A 26 -24.71 3.11 -15.17
C GLY A 26 -25.73 2.72 -14.11
N PHE A 27 -26.09 3.62 -13.20
CA PHE A 27 -27.14 3.35 -12.18
C PHE A 27 -27.92 4.64 -11.91
N THR A 28 -29.04 4.52 -11.18
CA THR A 28 -29.98 5.61 -10.87
C THR A 28 -29.45 6.39 -9.67
N PHE A 29 -28.53 7.32 -9.93
CA PHE A 29 -27.83 8.12 -8.91
C PHE A 29 -28.84 8.90 -8.06
N THR A 30 -29.93 9.38 -8.67
CA THR A 30 -30.95 10.23 -7.99
C THR A 30 -31.55 9.47 -6.78
N SER A 31 -31.62 8.14 -6.84
CA SER A 31 -32.20 7.29 -5.77
C SER A 31 -31.16 6.99 -4.69
N SER A 32 -29.89 7.36 -4.91
CA SER A 32 -28.73 6.79 -4.19
C SER A 32 -28.25 7.72 -3.07
N ALA A 33 -27.04 7.45 -2.60
CA ALA A 33 -26.33 8.18 -1.53
C ALA A 33 -24.85 8.06 -1.82
N VAL A 34 -24.03 8.95 -1.26
CA VAL A 34 -22.55 8.88 -1.41
C VAL A 34 -21.94 9.05 -0.03
N GLN A 35 -21.15 8.06 0.40
CA GLN A 35 -20.31 8.23 1.60
C GLN A 35 -18.86 8.43 1.16
N TRP A 36 -18.09 9.06 2.04
CA TRP A 36 -16.63 9.26 1.86
C TRP A 36 -15.91 8.56 3.01
N VAL A 37 -14.90 7.78 2.65
CA VAL A 37 -14.07 6.97 3.59
C VAL A 37 -12.61 7.17 3.16
N ARG A 38 -11.71 7.36 4.11
CA ARG A 38 -10.27 7.54 3.78
C ARG A 38 -9.44 6.42 4.42
N GLN A 39 -8.26 6.21 3.87
CA GLN A 39 -7.34 5.15 4.31
C GLN A 39 -5.89 5.62 4.12
N ALA A 40 -5.18 5.87 5.22
CA ALA A 40 -3.73 6.14 5.21
C ALA A 40 -3.01 4.81 5.02
N ARG A 41 -1.88 4.81 4.30
CA ARG A 41 -1.17 3.56 3.92
C ARG A 41 -0.89 2.76 5.19
N GLY A 42 -1.23 1.47 5.18
CA GLY A 42 -1.04 0.52 6.29
C GLY A 42 -1.89 0.85 7.51
N GLN A 43 -2.98 1.62 7.34
CA GLN A 43 -3.90 2.00 8.45
C GLN A 43 -5.34 1.63 8.08
N ARG A 44 -6.24 1.68 9.05
CA ARG A 44 -7.64 1.19 8.94
C ARG A 44 -8.48 2.23 8.19
N LEU A 45 -9.59 1.81 7.59
CA LEU A 45 -10.58 2.71 6.92
C LEU A 45 -11.13 3.68 7.98
N GLU A 46 -11.32 4.95 7.58
CA GLU A 46 -11.87 6.02 8.44
C GLU A 46 -13.03 6.72 7.73
N TRP A 47 -14.20 6.71 8.34
CA TRP A 47 -15.46 7.27 7.76
C TRP A 47 -15.46 8.79 7.93
N VAL A 48 -15.78 9.52 6.86
CA VAL A 48 -15.76 11.02 6.84
C VAL A 48 -17.19 11.53 6.98
N GLY A 49 -18.12 10.98 6.21
CA GLY A 49 -19.53 11.41 6.26
C GLY A 49 -20.27 10.94 5.03
N TRP A 50 -21.52 11.35 4.88
CA TRP A 50 -22.32 10.93 3.71
C TRP A 50 -23.41 11.94 3.38
N ILE A 51 -23.93 11.79 2.18
CA ILE A 51 -25.04 12.63 1.61
C ILE A 51 -26.05 11.70 0.95
N VAL A 52 -27.33 12.01 1.11
CA VAL A 52 -28.44 11.38 0.34
C VAL A 52 -28.67 12.25 -0.90
N VAL A 53 -28.68 11.65 -2.09
CA VAL A 53 -28.61 12.40 -3.38
C VAL A 53 -29.92 13.19 -3.57
N GLY A 54 -31.07 12.55 -3.31
CA GLY A 54 -32.40 13.17 -3.53
C GLY A 54 -32.54 14.48 -2.77
N SER A 55 -32.35 14.43 -1.45
CA SER A 55 -32.59 15.54 -0.50
C SER A 55 -31.36 16.46 -0.39
N GLY A 56 -30.17 15.91 -0.63
CA GLY A 56 -28.90 16.60 -0.34
C GLY A 56 -28.59 16.62 1.15
N ASN A 57 -29.32 15.85 1.96
CA ASN A 57 -29.14 15.86 3.44
C ASN A 57 -27.79 15.20 3.76
N THR A 58 -26.97 15.87 4.58
CA THR A 58 -25.61 15.43 4.92
C THR A 58 -25.53 15.03 6.40
N ASN A 59 -24.56 14.16 6.71
CA ASN A 59 -24.19 13.78 8.09
C ASN A 59 -22.67 13.58 8.12
N TYR A 60 -21.97 14.27 9.00
CA TYR A 60 -20.50 14.25 9.06
C TYR A 60 -20.05 13.55 10.34
N ALA A 61 -18.88 12.91 10.29
CA ALA A 61 -18.22 12.34 11.49
C ALA A 61 -17.76 13.47 12.42
N GLN A 62 -17.68 13.18 13.71
CA GLN A 62 -17.23 14.15 14.74
C GLN A 62 -15.92 14.81 14.30
N LYS A 63 -14.95 14.02 13.84
CA LYS A 63 -13.58 14.49 13.54
C LYS A 63 -13.61 15.58 12.46
N PHE A 64 -14.63 15.57 11.59
CA PHE A 64 -14.61 16.37 10.33
C PHE A 64 -15.73 17.41 10.30
N HIS A 65 -16.64 17.44 11.28
CA HIS A 65 -17.91 18.20 11.17
C HIS A 65 -17.65 19.71 11.06
N GLU A 66 -16.50 20.23 11.51
CA GLU A 66 -16.19 21.68 11.46
C GLU A 66 -15.39 22.04 10.20
N ARG A 67 -14.96 21.06 9.39
CA ARG A 67 -14.08 21.40 8.24
C ARG A 67 -14.34 20.53 7.01
N VAL A 68 -15.47 19.83 6.93
CA VAL A 68 -15.84 19.08 5.70
C VAL A 68 -17.20 19.56 5.21
N THR A 69 -17.35 19.62 3.89
CA THR A 69 -18.64 19.82 3.19
CA THR A 69 -18.65 19.80 3.21
C THR A 69 -18.78 18.72 2.14
N ILE A 70 -19.91 18.03 2.14
CA ILE A 70 -20.26 17.05 1.07
C ILE A 70 -21.44 17.66 0.32
N THR A 71 -21.35 17.72 -1.01
CA THR A 71 -22.40 18.27 -1.89
C THR A 71 -22.64 17.27 -3.03
N ARG A 72 -23.72 17.49 -3.78
CA ARG A 72 -23.96 16.73 -5.04
C ARG A 72 -24.57 17.68 -6.06
N ASP A 73 -24.29 17.42 -7.34
CA ASP A 73 -24.92 18.06 -8.52
C ASP A 73 -25.71 16.97 -9.25
N MET A 74 -27.03 16.93 -9.08
CA MET A 74 -27.86 15.83 -9.64
C MET A 74 -27.82 15.88 -11.17
N SER A 75 -27.67 17.07 -11.77
CA SER A 75 -27.64 17.25 -13.24
C SER A 75 -26.44 16.51 -13.86
N THR A 76 -25.31 16.47 -13.15
CA THR A 76 -24.05 15.83 -13.63
C THR A 76 -23.80 14.51 -12.91
N SER A 77 -24.72 14.06 -12.05
CA SER A 77 -24.62 12.81 -11.25
C SER A 77 -23.25 12.76 -10.55
N THR A 78 -22.81 13.88 -9.98
CA THR A 78 -21.51 13.99 -9.29
C THR A 78 -21.72 14.39 -7.83
N ALA A 79 -20.94 13.80 -6.93
CA ALA A 79 -20.83 14.19 -5.52
C ALA A 79 -19.41 14.71 -5.26
N TYR A 80 -19.28 15.58 -4.27
CA TYR A 80 -17.99 16.23 -3.91
C TYR A 80 -17.75 16.13 -2.41
N MET A 81 -16.49 15.99 -2.03
CA MET A 81 -16.04 16.18 -0.64
C MET A 81 -15.04 17.34 -0.65
N GLU A 82 -15.32 18.39 0.11
CA GLU A 82 -14.36 19.50 0.33
C GLU A 82 -13.89 19.44 1.78
N LEU A 83 -12.60 19.19 1.97
CA LEU A 83 -11.96 19.10 3.32
C LEU A 83 -11.01 20.28 3.47
N SER A 84 -11.25 21.13 4.46
CA SER A 84 -10.50 22.40 4.68
CA SER A 84 -10.50 22.39 4.67
C SER A 84 -9.53 22.25 5.86
N SER A 85 -8.66 23.25 6.04
CA SER A 85 -7.63 23.32 7.11
C SER A 85 -6.85 22.00 7.13
N LEU A 86 -6.35 21.59 5.96
CA LEU A 86 -5.67 20.28 5.81
C LEU A 86 -4.42 20.24 6.70
N ARG A 87 -4.14 19.07 7.26
CA ARG A 87 -2.94 18.79 8.10
C ARG A 87 -2.30 17.53 7.54
N SER A 88 -1.03 17.28 7.88
CA SER A 88 -0.26 16.12 7.35
C SER A 88 -1.02 14.82 7.62
N GLU A 89 -1.73 14.73 8.75
CA GLU A 89 -2.51 13.52 9.17
C GLU A 89 -3.67 13.25 8.21
N ASP A 90 -4.03 14.19 7.33
CA ASP A 90 -5.10 14.03 6.31
C ASP A 90 -4.56 13.31 5.07
N THR A 91 -3.25 13.05 5.01
CA THR A 91 -2.64 12.26 3.91
C THR A 91 -3.27 10.86 3.90
N ALA A 92 -3.91 10.49 2.79
CA ALA A 92 -4.66 9.22 2.66
C ALA A 92 -5.20 9.08 1.25
N VAL A 93 -5.65 7.88 0.91
CA VAL A 93 -6.53 7.64 -0.26
C VAL A 93 -7.97 7.85 0.21
N TYR A 94 -8.71 8.73 -0.47
CA TYR A 94 -10.13 9.03 -0.20
C TYR A 94 -10.98 8.28 -1.22
N TYR A 95 -11.95 7.51 -0.73
CA TYR A 95 -12.90 6.72 -1.54
C TYR A 95 -14.29 7.29 -1.37
N CYS A 96 -15.05 7.35 -2.47
CA CYS A 96 -16.52 7.51 -2.41
C CYS A 96 -17.18 6.14 -2.65
N ALA A 97 -18.38 5.97 -2.12
CA ALA A 97 -19.15 4.72 -2.25
C ALA A 97 -20.64 5.06 -2.27
N SER A 98 -21.41 4.25 -3.01
CA SER A 98 -22.88 4.40 -3.17
C SER A 98 -23.54 3.04 -3.10
N PRO A 99 -24.79 2.96 -2.62
CA PRO A 99 -25.63 1.80 -2.90
C PRO A 99 -26.07 1.81 -4.36
N TYR A 100 -25.96 0.67 -5.03
CA TYR A 100 -26.51 0.49 -6.40
C TYR A 100 -28.01 0.73 -6.33
N CYS A 101 -28.54 1.51 -7.28
CA CYS A 101 -30.00 1.72 -7.45
C CYS A 101 -30.38 1.54 -8.92
N SER A 102 -31.53 0.93 -9.16
CA SER A 102 -32.15 0.80 -10.50
C SER A 102 -33.59 1.29 -10.38
N GLY A 103 -33.88 2.47 -10.94
CA GLY A 103 -35.07 3.25 -10.58
C GLY A 103 -35.04 3.58 -9.10
N GLY A 104 -36.15 3.34 -8.41
CA GLY A 104 -36.28 3.64 -6.98
C GLY A 104 -35.58 2.61 -6.09
N SER A 105 -35.50 1.34 -6.52
CA SER A 105 -34.99 0.24 -5.65
C SER A 105 -33.47 0.35 -5.53
N CYS A 106 -32.95 0.14 -4.32
CA CYS A 106 -31.51 0.29 -4.00
C CYS A 106 -31.02 -0.88 -3.16
N SER A 107 -29.73 -1.22 -3.29
CA SER A 107 -29.00 -2.14 -2.39
C SER A 107 -29.06 -1.59 -0.95
N ASP A 108 -29.01 -2.48 0.04
CA ASP A 108 -29.08 -2.09 1.47
C ASP A 108 -27.80 -1.37 1.88
N GLY A 109 -26.64 -1.85 1.41
CA GLY A 109 -25.31 -1.36 1.80
C GLY A 109 -24.61 -0.60 0.69
N PHE A 110 -23.40 -0.13 0.96
CA PHE A 110 -22.56 0.62 -0.01
C PHE A 110 -21.75 -0.38 -0.84
N ASP A 111 -22.27 -0.75 -2.02
CA ASP A 111 -21.68 -1.84 -2.85
C ASP A 111 -20.95 -1.29 -4.09
N ILE A 112 -21.12 -0.02 -4.46
CA ILE A 112 -20.37 0.62 -5.58
CA ILE A 112 -20.37 0.62 -5.58
C ILE A 112 -19.31 1.54 -4.98
N TRP A 113 -18.04 1.34 -5.35
CA TRP A 113 -16.89 2.11 -4.81
C TRP A 113 -16.12 2.79 -5.94
N GLY A 114 -15.74 4.04 -5.73
CA GLY A 114 -14.78 4.75 -6.61
C GLY A 114 -13.40 4.11 -6.54
N GLN A 115 -12.50 4.50 -7.43
CA GLN A 115 -11.14 3.92 -7.54
C GLN A 115 -10.22 4.53 -6.47
N GLY A 116 -10.67 5.58 -5.78
CA GLY A 116 -9.88 6.29 -4.77
C GLY A 116 -9.10 7.46 -5.35
N THR A 117 -8.85 8.47 -4.52
CA THR A 117 -8.09 9.69 -4.86
C THR A 117 -6.99 9.84 -3.80
N MET A 118 -5.73 9.77 -4.20
CA MET A 118 -4.57 10.02 -3.31
CA MET A 118 -4.58 10.01 -3.29
C MET A 118 -4.51 11.51 -2.98
N VAL A 119 -4.52 11.85 -1.69
CA VAL A 119 -4.34 13.25 -1.21
C VAL A 119 -3.11 13.27 -0.33
N THR A 120 -2.09 14.04 -0.72
CA THR A 120 -0.86 14.26 0.06
C THR A 120 -0.93 15.66 0.67
N VAL A 121 -0.77 15.75 1.99
CA VAL A 121 -0.64 17.05 2.71
C VAL A 121 0.75 17.11 3.33
N SER A 122 1.56 18.07 2.90
CA SER A 122 2.99 18.21 3.31
C SER A 122 3.46 19.64 3.09
N SER A 123 4.40 20.08 3.93
CA SER A 123 5.12 21.37 3.78
C SER A 123 6.21 21.24 2.71
N ALA A 124 6.52 20.02 2.26
CA ALA A 124 7.59 19.73 1.27
C ALA A 124 7.26 20.40 -0.07
N SER A 125 8.29 20.77 -0.82
CA SER A 125 8.20 21.39 -2.17
C SER A 125 8.58 20.37 -3.24
N THR A 126 8.01 20.51 -4.44
CA THR A 126 8.27 19.63 -5.61
C THR A 126 9.78 19.51 -5.82
N LYS A 127 10.28 18.28 -5.88
CA LYS A 127 11.71 17.98 -6.17
C LYS A 127 11.79 16.71 -7.02
N GLY A 128 12.58 16.76 -8.10
CA GLY A 128 12.84 15.61 -8.97
C GLY A 128 13.76 14.60 -8.30
N PRO A 129 13.61 13.30 -8.59
CA PRO A 129 14.47 12.27 -8.01
C PRO A 129 15.89 12.30 -8.59
N SER A 130 16.86 11.95 -7.76
CA SER A 130 18.21 11.49 -8.18
C SER A 130 18.09 9.99 -8.45
N VAL A 131 18.56 9.52 -9.60
CA VAL A 131 18.49 8.09 -10.01
C VAL A 131 19.92 7.53 -10.05
N PHE A 132 20.20 6.55 -9.19
CA PHE A 132 21.54 5.93 -9.05
C PHE A 132 21.46 4.45 -9.41
N PRO A 133 22.48 3.91 -10.10
CA PRO A 133 22.47 2.50 -10.49
C PRO A 133 22.80 1.62 -9.28
N LEU A 134 22.12 0.47 -9.19
CA LEU A 134 22.49 -0.66 -8.30
C LEU A 134 23.07 -1.74 -9.22
N ALA A 135 24.38 -1.67 -9.45
CA ALA A 135 25.08 -2.48 -10.48
C ALA A 135 25.22 -3.91 -10.01
N PRO A 136 25.00 -4.91 -10.89
CA PRO A 136 25.23 -6.31 -10.54
C PRO A 136 26.74 -6.53 -10.40
N SER A 137 27.13 -7.34 -9.41
CA SER A 137 28.54 -7.71 -9.13
C SER A 137 28.53 -9.08 -8.45
N SER A 138 29.70 -9.61 -8.08
CA SER A 138 29.83 -10.89 -7.34
C SER A 138 29.01 -10.82 -6.04
N LYS A 139 28.83 -9.62 -5.48
CA LYS A 139 28.12 -9.38 -4.19
C LYS A 139 26.59 -9.37 -4.40
N SER A 140 26.14 -9.28 -5.66
CA SER A 140 24.70 -9.37 -6.02
C SER A 140 24.51 -10.47 -7.07
N THR A 141 25.25 -11.57 -6.96
CA THR A 141 25.11 -12.76 -7.84
C THR A 141 25.08 -14.01 -6.96
N SER A 142 23.90 -14.66 -6.87
CA SER A 142 23.59 -15.84 -6.03
C SER A 142 23.20 -17.01 -6.94
N GLY A 143 23.96 -18.10 -6.89
CA GLY A 143 23.89 -19.19 -7.87
C GLY A 143 24.07 -18.63 -9.27
N GLY A 144 23.07 -18.85 -10.15
CA GLY A 144 23.07 -18.38 -11.55
C GLY A 144 22.20 -17.14 -11.72
N THR A 145 21.88 -16.45 -10.63
CA THR A 145 20.96 -15.28 -10.63
C THR A 145 21.73 -14.04 -10.20
N ALA A 146 21.61 -12.96 -10.98
CA ALA A 146 22.15 -11.62 -10.63
C ALA A 146 20.98 -10.69 -10.28
N ALA A 147 21.20 -9.80 -9.32
CA ALA A 147 20.25 -8.71 -9.01
C ALA A 147 20.87 -7.39 -9.43
N LEU A 148 20.04 -6.50 -9.97
CA LEU A 148 20.45 -5.14 -10.37
C LEU A 148 19.26 -4.22 -10.14
N GLY A 149 19.47 -2.92 -10.18
CA GLY A 149 18.36 -2.02 -9.89
C GLY A 149 18.72 -0.57 -10.07
N CYS A 150 17.78 0.28 -9.69
CA CYS A 150 17.95 1.76 -9.64
C CYS A 150 17.41 2.26 -8.30
N LEU A 151 18.22 3.05 -7.61
CA LEU A 151 17.82 3.81 -6.40
C LEU A 151 17.24 5.14 -6.87
N VAL A 152 15.95 5.37 -6.58
CA VAL A 152 15.21 6.60 -6.96
C VAL A 152 15.04 7.43 -5.68
N LYS A 153 15.93 8.41 -5.48
CA LYS A 153 16.16 9.01 -4.14
C LYS A 153 15.70 10.48 -4.12
N ASP A 154 15.08 10.89 -3.01
CA ASP A 154 14.88 12.30 -2.58
C ASP A 154 13.98 13.03 -3.57
N TYR A 155 12.76 12.55 -3.77
CA TYR A 155 11.76 13.21 -4.65
C TYR A 155 10.50 13.56 -3.84
N PHE A 156 9.74 14.51 -4.36
CA PHE A 156 8.40 14.89 -3.82
C PHE A 156 7.60 15.52 -4.94
N PRO A 157 6.29 15.23 -5.09
CA PRO A 157 5.57 14.25 -4.29
C PRO A 157 5.56 12.86 -4.93
N GLU A 158 4.84 11.91 -4.33
CA GLU A 158 4.45 10.65 -5.00
C GLU A 158 3.50 11.01 -6.14
N PRO A 159 3.43 10.21 -7.23
CA PRO A 159 4.27 9.03 -7.43
C PRO A 159 5.43 9.26 -8.39
N VAL A 160 6.37 8.31 -8.42
CA VAL A 160 7.29 8.08 -9.56
C VAL A 160 6.80 6.84 -10.31
N THR A 161 6.97 6.80 -11.62
CA THR A 161 6.78 5.56 -12.43
C THR A 161 8.16 5.02 -12.78
N VAL A 162 8.37 3.73 -12.57
CA VAL A 162 9.62 3.01 -12.94
C VAL A 162 9.24 1.86 -13.85
N SER A 163 9.82 1.81 -15.05
CA SER A 163 9.76 0.64 -15.95
C SER A 163 11.19 0.17 -16.23
N TRP A 164 11.32 -1.02 -16.78
CA TRP A 164 12.62 -1.59 -17.22
C TRP A 164 12.55 -1.88 -18.71
N ASN A 165 13.56 -1.42 -19.46
CA ASN A 165 13.66 -1.65 -20.92
C ASN A 165 12.36 -1.22 -21.60
N SER A 166 11.85 -0.05 -21.22
CA SER A 166 10.65 0.61 -21.82
C SER A 166 9.43 -0.30 -21.69
N GLY A 167 9.36 -1.10 -20.63
CA GLY A 167 8.20 -1.96 -20.29
C GLY A 167 8.34 -3.38 -20.82
N ALA A 168 9.42 -3.68 -21.54
CA ALA A 168 9.69 -5.03 -22.11
C ALA A 168 10.08 -6.02 -21.01
N LEU A 169 10.64 -5.53 -19.89
CA LEU A 169 11.09 -6.38 -18.76
C LEU A 169 10.15 -6.16 -17.57
N THR A 170 9.33 -7.17 -17.24
CA THR A 170 8.36 -7.14 -16.12
C THR A 170 8.58 -8.32 -15.17
N SER A 171 8.91 -9.51 -15.69
CA SER A 171 9.12 -10.72 -14.86
C SER A 171 10.36 -10.53 -13.97
N GLY A 172 10.20 -10.67 -12.66
CA GLY A 172 11.29 -10.59 -11.68
C GLY A 172 11.55 -9.19 -11.18
N VAL A 173 10.76 -8.20 -11.61
CA VAL A 173 10.88 -6.80 -11.13
C VAL A 173 10.22 -6.67 -9.76
N HIS A 174 10.90 -6.02 -8.81
CA HIS A 174 10.33 -5.56 -7.53
C HIS A 174 10.55 -4.06 -7.42
N THR A 175 9.51 -3.26 -7.65
CA THR A 175 9.51 -1.81 -7.36
C THR A 175 8.93 -1.64 -5.96
N PHE A 176 9.80 -1.34 -4.99
CA PHE A 176 9.42 -1.29 -3.55
C PHE A 176 8.57 -0.06 -3.28
N PRO A 177 7.59 -0.16 -2.36
CA PRO A 177 6.89 1.02 -1.88
C PRO A 177 7.87 2.10 -1.42
N ALA A 178 7.59 3.36 -1.74
CA ALA A 178 8.43 4.51 -1.32
C ALA A 178 8.41 4.65 0.20
N VAL A 179 9.53 5.06 0.77
CA VAL A 179 9.65 5.40 2.22
C VAL A 179 9.74 6.92 2.31
N LEU A 180 8.89 7.52 3.16
CA LEU A 180 8.95 8.97 3.47
C LEU A 180 10.11 9.19 4.45
N GLN A 181 11.11 9.99 4.05
CA GLN A 181 12.31 10.26 4.86
C GLN A 181 12.02 11.42 5.83
N SER A 182 12.89 11.64 6.81
CA SER A 182 12.80 12.73 7.82
C SER A 182 12.79 14.09 7.10
N SER A 183 13.45 14.17 5.93
CA SER A 183 13.57 15.39 5.08
C SER A 183 12.21 15.80 4.50
N GLY A 184 11.23 14.89 4.48
CA GLY A 184 9.91 15.09 3.83
C GLY A 184 9.93 14.63 2.38
N LEU A 185 11.07 14.12 1.90
CA LEU A 185 11.20 13.57 0.52
C LEU A 185 11.03 12.04 0.57
N TYR A 186 10.68 11.46 -0.56
CA TYR A 186 10.48 9.99 -0.73
C TYR A 186 11.72 9.38 -1.39
N SER A 187 11.93 8.09 -1.10
CA SER A 187 12.99 7.27 -1.75
CA SER A 187 12.99 7.27 -1.74
C SER A 187 12.47 5.84 -1.94
N LEU A 188 12.85 5.21 -3.04
CA LEU A 188 12.58 3.77 -3.27
C LEU A 188 13.70 3.20 -4.12
N SER A 189 13.83 1.88 -4.09
CA SER A 189 14.62 1.11 -5.08
C SER A 189 13.65 0.31 -5.95
N SER A 190 13.98 0.20 -7.23
CA SER A 190 13.39 -0.79 -8.17
C SER A 190 14.49 -1.77 -8.54
N VAL A 191 14.29 -3.05 -8.26
CA VAL A 191 15.29 -4.10 -8.55
C VAL A 191 14.68 -5.10 -9.52
N VAL A 192 15.53 -5.86 -10.17
CA VAL A 192 15.12 -7.01 -11.00
C VAL A 192 16.18 -8.09 -10.80
N THR A 193 15.77 -9.35 -10.69
CA THR A 193 16.70 -10.50 -10.77
C THR A 193 16.66 -10.99 -12.21
N VAL A 194 17.82 -11.41 -12.71
CA VAL A 194 17.99 -11.88 -14.11
C VAL A 194 18.96 -13.06 -14.08
N PRO A 195 18.94 -13.92 -15.11
CA PRO A 195 19.99 -14.91 -15.30
C PRO A 195 21.34 -14.16 -15.38
N SER A 196 22.32 -14.57 -14.57
CA SER A 196 23.64 -13.88 -14.54
C SER A 196 24.29 -13.92 -15.93
N SER A 197 24.02 -14.97 -16.73
CA SER A 197 24.61 -15.14 -18.09
C SER A 197 24.02 -14.13 -19.07
N SER A 198 22.95 -13.42 -18.71
CA SER A 198 22.30 -12.39 -19.57
C SER A 198 23.08 -11.07 -19.53
N LEU A 199 23.94 -10.85 -18.53
CA LEU A 199 24.52 -9.51 -18.27
C LEU A 199 25.37 -9.07 -19.46
N GLY A 200 25.99 -10.02 -20.17
CA GLY A 200 26.87 -9.73 -21.32
C GLY A 200 26.12 -9.46 -22.61
N THR A 201 24.86 -9.89 -22.74
CA THR A 201 24.13 -9.87 -24.03
C THR A 201 22.80 -9.10 -23.95
N GLN A 202 22.34 -8.73 -22.75
CA GLN A 202 21.07 -7.97 -22.58
C GLN A 202 21.37 -6.68 -21.80
N THR A 203 21.05 -5.54 -22.39
CA THR A 203 21.13 -4.20 -21.75
C THR A 203 19.95 -4.05 -20.79
N TYR A 204 20.22 -3.48 -19.61
CA TYR A 204 19.19 -3.18 -18.59
C TYR A 204 19.16 -1.68 -18.33
N ILE A 205 18.03 -1.07 -18.62
CA ILE A 205 17.80 0.40 -18.47
C ILE A 205 16.55 0.60 -17.63
N CYS A 206 16.66 1.35 -16.53
CA CYS A 206 15.47 1.74 -15.74
C CYS A 206 14.98 3.09 -16.24
N ASN A 207 13.68 3.17 -16.54
CA ASN A 207 13.01 4.38 -17.08
C ASN A 207 12.22 5.00 -15.92
N VAL A 208 12.70 6.14 -15.41
CA VAL A 208 12.09 6.84 -14.23
C VAL A 208 11.42 8.11 -14.72
N ASN A 209 10.13 8.27 -14.45
CA ASN A 209 9.33 9.48 -14.80
CA ASN A 209 9.34 9.47 -14.80
C ASN A 209 8.75 10.06 -13.52
N HIS A 210 8.97 11.36 -13.30
CA HIS A 210 8.38 12.15 -12.18
C HIS A 210 7.77 13.42 -12.78
N LYS A 211 6.46 13.37 -13.06
CA LYS A 211 5.73 14.41 -13.83
C LYS A 211 5.82 15.77 -13.15
N PRO A 212 5.59 15.89 -11.81
CA PRO A 212 5.58 17.20 -11.16
C PRO A 212 6.88 18.01 -11.30
N SER A 213 8.03 17.36 -11.42
CA SER A 213 9.36 18.02 -11.52
C SER A 213 9.87 17.98 -12.97
N ASN A 214 9.05 17.49 -13.90
CA ASN A 214 9.41 17.33 -15.34
C ASN A 214 10.68 16.48 -15.45
N THR A 215 10.84 15.47 -14.60
CA THR A 215 12.03 14.57 -14.60
C THR A 215 11.71 13.33 -15.44
N LYS A 216 12.53 13.08 -16.46
CA LYS A 216 12.58 11.82 -17.24
C LYS A 216 14.04 11.36 -17.27
N VAL A 217 14.34 10.21 -16.65
CA VAL A 217 15.71 9.63 -16.58
C VAL A 217 15.65 8.21 -17.16
N ASP A 218 16.59 7.87 -18.04
CA ASP A 218 16.82 6.49 -18.55
C ASP A 218 18.25 6.10 -18.17
N LYS A 219 18.41 5.33 -17.09
CA LYS A 219 19.72 4.96 -16.52
C LYS A 219 20.07 3.53 -16.96
N LYS A 220 21.11 3.38 -17.78
CA LYS A 220 21.70 2.06 -18.13
C LYS A 220 22.50 1.57 -16.92
N VAL A 221 22.20 0.36 -16.45
CA VAL A 221 22.87 -0.24 -15.26
C VAL A 221 23.96 -1.18 -15.78
N GLU A 222 25.22 -0.78 -15.59
CA GLU A 222 26.43 -1.45 -16.16
C GLU A 222 26.90 -2.53 -15.19
N PRO A 223 27.08 -3.80 -15.64
CA PRO A 223 27.63 -4.84 -14.79
C PRO A 223 29.08 -4.57 -14.36
N LYS A 224 29.41 -4.89 -13.12
CA LYS A 224 30.80 -4.84 -12.59
C LYS A 224 31.44 -6.23 -12.77
N SER A 225 32.72 -6.28 -13.13
CA SER A 225 33.48 -7.53 -13.40
C SER A 225 34.11 -8.09 -12.12
N CYS A 226 33.95 -7.38 -10.99
CA CYS A 226 34.44 -7.78 -9.64
C CYS A 226 33.29 -8.30 -8.79
N ASP B 1 -17.34 7.18 20.98
CA ASP B 1 -17.71 6.46 19.72
C ASP B 1 -17.48 4.95 19.90
N ILE B 2 -18.15 4.15 19.09
CA ILE B 2 -18.04 2.65 19.13
C ILE B 2 -16.70 2.26 18.50
N VAL B 3 -15.88 1.49 19.23
CA VAL B 3 -14.57 0.94 18.75
C VAL B 3 -14.79 -0.52 18.36
N LEU B 4 -14.44 -0.87 17.12
CA LEU B 4 -14.44 -2.26 16.62
C LEU B 4 -12.99 -2.79 16.65
N THR B 5 -12.78 -3.95 17.29
CA THR B 5 -11.46 -4.61 17.39
C THR B 5 -11.56 -6.00 16.72
N GLN B 6 -10.78 -6.20 15.67
CA GLN B 6 -10.77 -7.47 14.89
C GLN B 6 -9.63 -8.37 15.39
N THR B 7 -9.84 -9.69 15.35
CA THR B 7 -8.83 -10.72 15.71
C THR B 7 -8.99 -11.89 14.76
N PRO B 8 -7.90 -12.60 14.39
CA PRO B 8 -6.53 -12.15 14.70
C PRO B 8 -6.10 -11.03 13.72
N GLY B 9 -4.90 -10.48 13.92
CA GLY B 9 -4.32 -9.45 13.03
C GLY B 9 -4.02 -10.02 11.65
N THR B 10 -3.34 -11.17 11.60
CA THR B 10 -3.02 -11.93 10.37
C THR B 10 -3.46 -13.38 10.55
N LEU B 11 -4.18 -13.93 9.58
CA LEU B 11 -4.47 -15.37 9.42
C LEU B 11 -3.64 -15.89 8.25
N SER B 12 -2.70 -16.80 8.51
CA SER B 12 -1.93 -17.52 7.46
C SER B 12 -2.56 -18.88 7.24
N LEU B 13 -3.23 -19.08 6.11
CA LEU B 13 -4.01 -20.31 5.82
C LEU B 13 -3.70 -20.82 4.41
N SER B 14 -3.77 -22.14 4.25
CA SER B 14 -3.66 -22.84 2.95
C SER B 14 -4.94 -22.59 2.16
N PRO B 15 -4.87 -22.40 0.83
CA PRO B 15 -6.06 -22.48 -0.01
C PRO B 15 -6.85 -23.77 0.28
N GLY B 16 -8.18 -23.66 0.39
CA GLY B 16 -9.08 -24.79 0.67
C GLY B 16 -9.49 -24.85 2.13
N GLU B 17 -8.79 -24.15 3.02
CA GLU B 17 -9.04 -24.17 4.48
C GLU B 17 -10.19 -23.21 4.84
N ARG B 18 -10.81 -23.44 5.99
CA ARG B 18 -11.86 -22.58 6.58
C ARG B 18 -11.18 -21.39 7.28
N ALA B 19 -11.72 -20.18 7.08
CA ALA B 19 -11.27 -18.94 7.76
C ALA B 19 -12.40 -18.44 8.65
N THR B 20 -12.09 -18.17 9.92
CA THR B 20 -13.03 -17.60 10.91
C THR B 20 -12.43 -16.29 11.43
N LEU B 21 -13.11 -15.18 11.14
CA LEU B 21 -12.64 -13.80 11.46
C LEU B 21 -13.57 -13.22 12.52
N SER B 22 -13.01 -12.62 13.57
CA SER B 22 -13.74 -12.09 14.74
C SER B 22 -13.74 -10.56 14.71
N CYS B 23 -14.86 -9.96 15.09
CA CYS B 23 -15.05 -8.49 15.25
C CYS B 23 -15.75 -8.25 16.60
N ARG B 24 -15.07 -7.59 17.54
CA ARG B 24 -15.64 -7.25 18.87
C ARG B 24 -15.91 -5.75 18.92
N ALA B 25 -17.12 -5.37 19.36
CA ALA B 25 -17.55 -3.96 19.52
C ALA B 25 -17.43 -3.58 21.00
N SER B 26 -16.92 -2.37 21.26
CA SER B 26 -16.74 -1.78 22.61
C SER B 26 -18.11 -1.54 23.27
N GLN B 27 -19.16 -1.40 22.46
CA GLN B 27 -20.57 -1.22 22.88
C GLN B 27 -21.46 -2.17 22.08
N SER B 28 -22.63 -2.52 22.63
CA SER B 28 -23.61 -3.45 22.01
C SER B 28 -24.11 -2.84 20.69
N VAL B 29 -23.78 -3.49 19.57
CA VAL B 29 -24.20 -3.08 18.19
C VAL B 29 -25.29 -4.06 17.74
N SER B 30 -26.45 -3.54 17.34
CA SER B 30 -27.56 -4.34 16.74
C SER B 30 -27.03 -5.04 15.48
N SER B 31 -27.48 -6.27 15.24
CA SER B 31 -27.07 -7.11 14.08
C SER B 31 -27.39 -6.38 12.78
N SER B 32 -28.36 -5.45 12.78
CA SER B 32 -28.85 -4.73 11.58
CA SER B 32 -28.84 -4.74 11.58
C SER B 32 -27.78 -3.76 11.06
N TYR B 33 -26.80 -3.37 11.90
CA TYR B 33 -25.83 -2.28 11.57
C TYR B 33 -24.38 -2.76 11.60
N LEU B 34 -24.12 -4.00 11.19
CA LEU B 34 -22.75 -4.55 11.10
C LEU B 34 -22.53 -5.06 9.66
N ALA B 35 -21.50 -4.54 8.99
CA ALA B 35 -21.12 -4.97 7.63
C ALA B 35 -19.69 -5.53 7.63
N TRP B 36 -19.39 -6.36 6.64
CA TRP B 36 -18.03 -6.87 6.35
C TRP B 36 -17.65 -6.49 4.93
N TYR B 37 -16.40 -6.05 4.76
CA TYR B 37 -15.80 -5.70 3.46
C TYR B 37 -14.51 -6.50 3.26
N GLN B 38 -14.20 -6.76 1.99
CA GLN B 38 -12.94 -7.34 1.52
C GLN B 38 -12.14 -6.23 0.84
N GLN B 39 -10.82 -6.18 1.04
CA GLN B 39 -9.99 -5.20 0.29
C GLN B 39 -8.66 -5.84 -0.11
N LYS B 40 -8.31 -5.71 -1.38
CA LYS B 40 -7.02 -6.18 -1.94
C LYS B 40 -6.12 -4.97 -2.16
N PRO B 41 -4.79 -5.17 -2.17
CA PRO B 41 -3.85 -4.05 -2.36
C PRO B 41 -4.13 -3.24 -3.63
N GLY B 42 -4.22 -1.92 -3.49
CA GLY B 42 -4.42 -0.96 -4.61
C GLY B 42 -5.85 -0.96 -5.11
N GLN B 43 -6.78 -1.60 -4.41
CA GLN B 43 -8.22 -1.67 -4.79
C GLN B 43 -9.07 -1.06 -3.69
N ALA B 44 -10.28 -0.62 -4.06
CA ALA B 44 -11.31 -0.14 -3.13
C ALA B 44 -11.89 -1.33 -2.36
N PRO B 45 -12.48 -1.09 -1.18
CA PRO B 45 -13.25 -2.12 -0.48
C PRO B 45 -14.38 -2.68 -1.33
N ARG B 46 -14.79 -3.92 -1.02
CA ARG B 46 -15.89 -4.66 -1.65
C ARG B 46 -16.84 -5.13 -0.55
N LEU B 47 -18.12 -4.78 -0.63
CA LEU B 47 -19.12 -5.19 0.38
C LEU B 47 -19.37 -6.70 0.24
N LEU B 48 -19.25 -7.45 1.34
CA LEU B 48 -19.54 -8.90 1.41
C LEU B 48 -20.88 -9.15 2.10
N ILE B 49 -21.04 -8.56 3.28
CA ILE B 49 -22.14 -8.85 4.23
C ILE B 49 -22.68 -7.52 4.76
N TYR B 50 -24.01 -7.38 4.79
CA TYR B 50 -24.71 -6.26 5.48
C TYR B 50 -25.67 -6.86 6.49
N GLY B 51 -26.00 -6.10 7.54
CA GLY B 51 -26.91 -6.57 8.61
C GLY B 51 -26.42 -7.89 9.20
N ALA B 52 -25.11 -8.01 9.39
CA ALA B 52 -24.41 -9.10 10.12
C ALA B 52 -24.40 -10.41 9.34
N SER B 53 -25.45 -10.77 8.60
CA SER B 53 -25.59 -12.14 8.02
CA SER B 53 -25.62 -12.14 8.04
C SER B 53 -26.14 -12.13 6.59
N SER B 54 -26.50 -10.97 6.03
CA SER B 54 -27.06 -10.90 4.65
C SER B 54 -25.92 -10.75 3.64
N ARG B 55 -25.83 -11.66 2.67
CA ARG B 55 -24.83 -11.55 1.57
C ARG B 55 -25.24 -10.42 0.63
N ALA B 56 -24.29 -9.55 0.27
CA ALA B 56 -24.47 -8.54 -0.79
C ALA B 56 -24.74 -9.28 -2.11
N THR B 57 -25.34 -8.58 -3.08
CA THR B 57 -25.75 -9.16 -4.39
C THR B 57 -24.53 -9.82 -5.05
N GLY B 58 -24.66 -11.08 -5.43
CA GLY B 58 -23.66 -11.83 -6.22
C GLY B 58 -22.51 -12.37 -5.36
N ILE B 59 -22.54 -12.16 -4.04
CA ILE B 59 -21.46 -12.65 -3.13
C ILE B 59 -21.59 -14.17 -3.00
N PRO B 60 -20.49 -14.93 -3.21
CA PRO B 60 -20.53 -16.39 -3.15
C PRO B 60 -21.00 -16.98 -1.81
N ASP B 61 -21.55 -18.18 -1.87
CA ASP B 61 -22.16 -18.92 -0.73
C ASP B 61 -21.10 -19.16 0.37
N ARG B 62 -19.82 -19.26 0.03
CA ARG B 62 -18.74 -19.61 1.00
C ARG B 62 -18.54 -18.49 2.02
N PHE B 63 -19.00 -17.27 1.74
CA PHE B 63 -18.97 -16.13 2.70
C PHE B 63 -20.26 -16.15 3.51
N SER B 64 -20.14 -16.17 4.84
CA SER B 64 -21.30 -16.06 5.76
C SER B 64 -20.93 -15.22 6.98
N GLY B 65 -21.92 -14.54 7.55
CA GLY B 65 -21.76 -13.71 8.75
C GLY B 65 -22.68 -14.16 9.85
N SER B 66 -22.24 -14.03 11.11
CA SER B 66 -23.00 -14.42 12.32
C SER B 66 -22.77 -13.37 13.41
N GLY B 67 -23.71 -13.29 14.36
CA GLY B 67 -23.51 -12.61 15.64
C GLY B 67 -24.38 -11.36 15.80
N SER B 68 -24.20 -10.70 16.94
CA SER B 68 -24.99 -9.55 17.43
C SER B 68 -24.35 -9.05 18.71
N GLY B 69 -24.85 -7.94 19.26
CA GLY B 69 -24.30 -7.35 20.50
C GLY B 69 -22.87 -6.90 20.30
N THR B 70 -21.91 -7.54 20.97
CA THR B 70 -20.49 -7.12 21.00
C THR B 70 -19.60 -8.10 20.22
N ASP B 71 -20.15 -9.18 19.64
CA ASP B 71 -19.34 -10.27 19.04
C ASP B 71 -19.93 -10.69 17.69
N PHE B 72 -19.15 -10.50 16.61
CA PHE B 72 -19.53 -10.86 15.22
C PHE B 72 -18.44 -11.73 14.61
N THR B 73 -18.84 -12.60 13.68
CA THR B 73 -17.92 -13.54 12.97
CA THR B 73 -17.90 -13.50 12.97
C THR B 73 -18.20 -13.50 11.47
N LEU B 74 -17.14 -13.44 10.66
CA LEU B 74 -17.19 -13.71 9.22
C LEU B 74 -16.53 -15.07 9.00
N THR B 75 -17.22 -15.98 8.32
CA THR B 75 -16.66 -17.31 7.94
C THR B 75 -16.46 -17.36 6.43
N ILE B 76 -15.31 -17.85 6.00
CA ILE B 76 -15.08 -18.29 4.59
C ILE B 76 -14.90 -19.80 4.67
N SER B 77 -15.91 -20.55 4.21
CA SER B 77 -16.02 -22.01 4.45
C SER B 77 -14.84 -22.75 3.80
N ARG B 78 -14.38 -22.26 2.65
CA ARG B 78 -13.30 -22.90 1.85
C ARG B 78 -12.60 -21.79 1.05
N LEU B 79 -11.38 -21.43 1.45
CA LEU B 79 -10.63 -20.30 0.84
C LEU B 79 -10.28 -20.64 -0.62
N GLU B 80 -10.69 -19.76 -1.54
CA GLU B 80 -10.22 -19.75 -2.96
C GLU B 80 -9.06 -18.76 -3.05
N PRO B 81 -8.16 -18.90 -4.04
CA PRO B 81 -7.04 -17.96 -4.20
C PRO B 81 -7.45 -16.48 -4.19
N GLU B 82 -8.62 -16.17 -4.75
CA GLU B 82 -9.12 -14.77 -4.88
C GLU B 82 -9.61 -14.25 -3.52
N ASP B 83 -9.63 -15.07 -2.47
CA ASP B 83 -10.16 -14.71 -1.12
C ASP B 83 -9.05 -14.20 -0.20
N PHE B 84 -7.79 -14.32 -0.59
CA PHE B 84 -6.66 -13.81 0.21
C PHE B 84 -6.62 -12.29 0.03
N ALA B 85 -6.86 -11.57 1.13
CA ALA B 85 -7.18 -10.13 1.15
C ALA B 85 -7.24 -9.67 2.60
N VAL B 86 -7.47 -8.38 2.82
CA VAL B 86 -7.78 -7.82 4.16
C VAL B 86 -9.30 -7.72 4.31
N TYR B 87 -9.80 -8.08 5.48
CA TYR B 87 -11.26 -8.08 5.80
C TYR B 87 -11.51 -7.07 6.92
N TYR B 88 -12.49 -6.19 6.70
CA TYR B 88 -12.88 -5.12 7.67
C TYR B 88 -14.33 -5.33 8.08
N CYS B 89 -14.60 -5.21 9.38
CA CYS B 89 -15.98 -5.02 9.88
C CYS B 89 -16.24 -3.53 10.02
N GLN B 90 -17.51 -3.15 9.96
CA GLN B 90 -17.96 -1.75 10.06
C GLN B 90 -19.29 -1.74 10.81
N GLN B 91 -19.43 -0.86 11.80
CA GLN B 91 -20.75 -0.59 12.42
C GLN B 91 -21.27 0.72 11.82
N TYR B 92 -22.56 0.76 11.47
CA TYR B 92 -23.22 1.96 10.87
C TYR B 92 -24.50 2.26 11.64
N VAL B 93 -24.41 2.24 12.97
CA VAL B 93 -25.49 2.65 13.91
C VAL B 93 -25.80 4.13 13.63
N GLY B 94 -27.07 4.45 13.40
CA GLY B 94 -27.59 5.84 13.31
C GLY B 94 -27.17 6.52 12.01
N LEU B 95 -27.19 7.86 12.01
CA LEU B 95 -26.92 8.69 10.79
C LEU B 95 -25.46 9.14 10.76
N THR B 96 -24.72 9.01 11.86
CA THR B 96 -23.26 9.34 11.92
C THR B 96 -22.58 8.39 12.92
N GLY B 97 -21.25 8.63 13.13
CA GLY B 97 -20.44 7.88 14.11
C GLY B 97 -20.02 6.51 13.62
N TRP B 98 -20.16 6.23 12.32
CA TRP B 98 -19.83 4.91 11.74
C TRP B 98 -18.32 4.68 11.85
N THR B 99 -17.90 3.47 12.22
CA THR B 99 -16.47 3.14 12.44
C THR B 99 -16.16 1.75 11.86
N PHE B 100 -14.89 1.53 11.56
CA PHE B 100 -14.36 0.28 11.00
C PHE B 100 -13.42 -0.37 12.03
N GLY B 101 -13.31 -1.70 11.96
CA GLY B 101 -12.22 -2.44 12.61
C GLY B 101 -10.90 -2.15 11.93
N GLN B 102 -9.79 -2.61 12.50
CA GLN B 102 -8.41 -2.35 12.01
C GLN B 102 -8.06 -3.32 10.90
N GLY B 103 -8.91 -4.33 10.66
CA GLY B 103 -8.75 -5.31 9.57
C GLY B 103 -8.05 -6.57 10.04
N THR B 104 -8.38 -7.69 9.41
CA THR B 104 -7.63 -8.98 9.49
C THR B 104 -7.11 -9.31 8.09
N LYS B 105 -5.79 -9.45 7.94
CA LYS B 105 -5.18 -9.91 6.68
C LYS B 105 -5.26 -11.44 6.62
N VAL B 106 -5.91 -11.97 5.60
CA VAL B 106 -5.91 -13.43 5.31
C VAL B 106 -4.83 -13.64 4.25
N GLU B 107 -3.72 -14.26 4.67
CA GLU B 107 -2.46 -14.40 3.90
C GLU B 107 -2.32 -15.86 3.44
N ILE B 108 -1.77 -16.10 2.25
CA ILE B 108 -1.51 -17.46 1.72
C ILE B 108 -0.35 -18.07 2.51
N LYS B 109 -0.59 -19.19 3.17
CA LYS B 109 0.49 -20.05 3.73
C LYS B 109 1.02 -20.94 2.62
N ARG B 110 2.33 -20.89 2.39
CA ARG B 110 3.05 -21.82 1.47
C ARG B 110 4.22 -22.42 2.26
N THR B 111 5.03 -23.25 1.61
CA THR B 111 6.23 -23.86 2.25
C THR B 111 7.22 -22.74 2.55
N VAL B 112 8.07 -22.98 3.54
CA VAL B 112 9.21 -22.08 3.89
C VAL B 112 10.12 -21.97 2.67
N ALA B 113 10.47 -20.74 2.28
CA ALA B 113 11.41 -20.43 1.20
C ALA B 113 12.42 -19.42 1.71
N ALA B 114 13.68 -19.81 1.82
CA ALA B 114 14.79 -18.93 2.23
C ALA B 114 14.96 -17.83 1.19
N PRO B 115 15.25 -16.58 1.60
CA PRO B 115 15.56 -15.54 0.64
C PRO B 115 16.93 -15.77 0.00
N SER B 116 17.07 -15.36 -1.27
N SER B 116 17.07 -15.40 -1.28
CA SER B 116 18.37 -15.03 -1.90
CA SER B 116 18.39 -15.06 -1.86
C SER B 116 18.73 -13.61 -1.45
C SER B 116 18.73 -13.65 -1.40
N VAL B 117 20.00 -13.40 -1.07
CA VAL B 117 20.46 -12.11 -0.46
C VAL B 117 21.51 -11.48 -1.38
N PHE B 118 21.33 -10.19 -1.66
CA PHE B 118 22.19 -9.39 -2.57
C PHE B 118 22.52 -8.08 -1.88
N ILE B 119 23.77 -7.61 -1.99
CA ILE B 119 24.20 -6.31 -1.40
C ILE B 119 24.78 -5.42 -2.50
N PHE B 120 24.47 -4.13 -2.44
CA PHE B 120 24.89 -3.08 -3.39
C PHE B 120 25.59 -1.95 -2.63
N PRO B 121 26.90 -1.75 -2.83
CA PRO B 121 27.58 -0.57 -2.31
C PRO B 121 26.97 0.69 -2.90
N PRO B 122 27.22 1.88 -2.31
CA PRO B 122 26.85 3.15 -2.94
C PRO B 122 27.52 3.29 -4.31
N SER B 123 26.79 3.84 -5.28
CA SER B 123 27.31 4.18 -6.63
C SER B 123 28.32 5.32 -6.51
N ASP B 124 29.31 5.37 -7.39
CA ASP B 124 30.26 6.50 -7.52
C ASP B 124 29.46 7.80 -7.71
N GLU B 125 28.39 7.74 -8.51
CA GLU B 125 27.52 8.90 -8.84
C GLU B 125 26.91 9.47 -7.56
N GLN B 126 26.39 8.62 -6.66
CA GLN B 126 25.72 9.08 -5.41
C GLN B 126 26.76 9.69 -4.47
N LEU B 127 27.92 9.06 -4.31
CA LEU B 127 29.00 9.54 -3.41
C LEU B 127 29.43 10.96 -3.81
N LYS B 128 29.48 11.24 -5.11
CA LYS B 128 29.77 12.58 -5.70
C LYS B 128 28.76 13.61 -5.16
N SER B 129 27.50 13.20 -4.97
CA SER B 129 26.37 14.08 -4.55
C SER B 129 26.34 14.27 -3.02
N GLY B 130 27.16 13.51 -2.28
CA GLY B 130 27.42 13.74 -0.84
C GLY B 130 26.70 12.76 0.09
N THR B 131 26.00 11.76 -0.45
CA THR B 131 25.28 10.74 0.35
C THR B 131 25.76 9.34 -0.05
N ALA B 132 25.54 8.36 0.83
CA ALA B 132 25.90 6.93 0.63
C ALA B 132 24.73 6.06 1.07
N SER B 133 24.08 5.40 0.11
CA SER B 133 23.00 4.41 0.36
C SER B 133 23.56 3.01 0.07
N VAL B 134 23.51 2.13 1.06
CA VAL B 134 23.90 0.70 0.92
C VAL B 134 22.60 -0.11 0.91
N VAL B 135 22.35 -0.87 -0.15
CA VAL B 135 21.06 -1.59 -0.34
C VAL B 135 21.30 -3.09 -0.16
N CYS B 136 20.47 -3.71 0.68
CA CYS B 136 20.42 -5.18 0.88
C CYS B 136 19.06 -5.67 0.38
N LEU B 137 19.07 -6.63 -0.56
CA LEU B 137 17.84 -7.19 -1.19
C LEU B 137 17.64 -8.62 -0.73
N LEU B 138 16.43 -8.92 -0.23
CA LEU B 138 15.95 -10.31 0.04
C LEU B 138 14.92 -10.66 -1.04
N ASN B 139 15.20 -11.69 -1.84
CA ASN B 139 14.35 -12.07 -2.99
C ASN B 139 13.53 -13.32 -2.65
N ASN B 140 12.20 -13.22 -2.84
CA ASN B 140 11.23 -14.33 -2.96
C ASN B 140 11.35 -15.31 -1.79
N PHE B 141 10.98 -14.85 -0.60
CA PHE B 141 11.03 -15.64 0.65
C PHE B 141 9.62 -15.78 1.25
N TYR B 142 9.48 -16.79 2.10
CA TYR B 142 8.28 -17.04 2.93
C TYR B 142 8.71 -17.81 4.17
N PRO B 143 8.21 -17.50 5.40
CA PRO B 143 7.22 -16.44 5.64
C PRO B 143 7.79 -15.01 5.64
N ARG B 144 6.90 -14.05 5.89
CA ARG B 144 7.17 -12.59 5.87
C ARG B 144 8.25 -12.24 6.90
N GLU B 145 8.22 -12.86 8.08
CA GLU B 145 9.10 -12.46 9.21
C GLU B 145 10.56 -12.67 8.79
N ALA B 146 11.36 -11.61 8.86
CA ALA B 146 12.80 -11.62 8.52
C ALA B 146 13.49 -10.55 9.37
N LYS B 147 14.66 -10.87 9.94
CA LYS B 147 15.51 -9.89 10.66
C LYS B 147 16.68 -9.54 9.74
N VAL B 148 16.81 -8.26 9.40
CA VAL B 148 17.91 -7.75 8.54
C VAL B 148 18.69 -6.73 9.36
N GLN B 149 19.91 -7.10 9.77
CA GLN B 149 20.79 -6.28 10.65
C GLN B 149 21.98 -5.76 9.83
N TRP B 150 22.31 -4.49 10.00
CA TRP B 150 23.49 -3.84 9.37
C TRP B 150 24.64 -3.83 10.37
N LYS B 151 25.83 -4.27 9.93
CA LYS B 151 27.09 -4.22 10.70
C LYS B 151 28.11 -3.42 9.89
N VAL B 152 28.64 -2.35 10.48
CA VAL B 152 29.71 -1.49 9.89
C VAL B 152 30.95 -1.65 10.77
N ASP B 153 32.01 -2.25 10.22
CA ASP B 153 33.23 -2.66 10.97
C ASP B 153 32.80 -3.44 12.22
N ASN B 154 31.84 -4.36 12.05
CA ASN B 154 31.38 -5.35 13.08
C ASN B 154 30.57 -4.66 14.18
N ALA B 155 30.12 -3.41 13.96
CA ALA B 155 29.27 -2.65 14.91
C ALA B 155 27.82 -2.66 14.42
N LEU B 156 26.89 -3.16 15.23
CA LEU B 156 25.43 -3.20 14.91
C LEU B 156 24.91 -1.77 14.79
N GLN B 157 24.25 -1.46 13.67
CA GLN B 157 23.69 -0.12 13.36
C GLN B 157 22.26 -0.02 13.90
N SER B 158 21.84 1.17 14.31
CA SER B 158 20.48 1.49 14.80
C SER B 158 20.04 2.86 14.26
N GLY B 159 18.81 2.96 13.75
CA GLY B 159 18.13 4.22 13.41
C GLY B 159 18.63 4.85 12.12
N ASN B 160 19.47 4.15 11.33
CA ASN B 160 20.05 4.69 10.08
C ASN B 160 19.69 3.79 8.89
N SER B 161 18.69 2.90 9.03
CA SER B 161 18.22 2.02 7.93
C SER B 161 16.68 2.00 7.90
N GLN B 162 16.12 1.78 6.71
CA GLN B 162 14.67 1.65 6.46
C GLN B 162 14.42 0.38 5.63
N GLU B 163 13.36 -0.35 5.96
CA GLU B 163 12.91 -1.53 5.19
C GLU B 163 11.69 -1.16 4.36
N SER B 164 11.58 -1.77 3.19
CA SER B 164 10.36 -1.76 2.34
C SER B 164 10.10 -3.19 1.86
N VAL B 165 8.85 -3.60 1.83
CA VAL B 165 8.45 -4.99 1.50
CA VAL B 165 8.45 -4.99 1.50
C VAL B 165 7.37 -4.94 0.42
N THR B 166 7.41 -5.90 -0.51
CA THR B 166 6.40 -6.07 -1.58
C THR B 166 5.15 -6.71 -0.98
N GLU B 167 4.03 -6.57 -1.68
CA GLU B 167 2.81 -7.38 -1.42
C GLU B 167 3.15 -8.84 -1.72
N GLN B 168 2.48 -9.78 -1.06
CA GLN B 168 2.67 -11.22 -1.33
C GLN B 168 2.43 -11.47 -2.83
N ASP B 169 3.35 -12.17 -3.49
CA ASP B 169 3.27 -12.42 -4.96
C ASP B 169 2.04 -13.29 -5.25
N SER B 170 1.23 -12.90 -6.23
CA SER B 170 -0.07 -13.56 -6.57
C SER B 170 0.15 -14.99 -7.07
N LYS B 171 1.34 -15.32 -7.59
CA LYS B 171 1.60 -16.60 -8.29
C LYS B 171 2.53 -17.52 -7.49
N ASP B 172 3.49 -17.00 -6.71
CA ASP B 172 4.41 -17.88 -5.92
C ASP B 172 4.28 -17.64 -4.42
N SER B 173 3.46 -16.66 -4.00
CA SER B 173 3.06 -16.43 -2.58
C SER B 173 4.29 -16.03 -1.74
N THR B 174 5.35 -15.51 -2.35
CA THR B 174 6.55 -15.04 -1.62
C THR B 174 6.53 -13.53 -1.46
N TYR B 175 7.45 -13.06 -0.61
CA TYR B 175 7.74 -11.63 -0.37
C TYR B 175 9.15 -11.32 -0.88
N SER B 176 9.38 -10.06 -1.20
CA SER B 176 10.75 -9.51 -1.38
C SER B 176 10.87 -8.25 -0.52
N LEU B 177 12.09 -7.95 -0.10
CA LEU B 177 12.34 -6.89 0.91
C LEU B 177 13.64 -6.17 0.57
N SER B 178 13.62 -4.85 0.69
CA SER B 178 14.83 -4.00 0.63
C SER B 178 15.12 -3.47 2.03
N SER B 179 16.38 -3.50 2.44
CA SER B 179 16.88 -2.75 3.62
C SER B 179 17.94 -1.78 3.11
N THR B 180 17.77 -0.49 3.37
CA THR B 180 18.68 0.57 2.88
C THR B 180 19.31 1.27 4.08
N LEU B 181 20.63 1.18 4.19
CA LEU B 181 21.46 1.93 5.16
C LEU B 181 21.85 3.27 4.52
N THR B 182 21.46 4.39 5.12
CA THR B 182 21.68 5.74 4.55
C THR B 182 22.64 6.51 5.48
N LEU B 183 23.80 6.91 4.93
CA LEU B 183 24.89 7.62 5.65
C LEU B 183 25.31 8.85 4.84
N SER B 184 25.86 9.86 5.51
CA SER B 184 26.63 10.96 4.87
C SER B 184 27.87 10.33 4.22
N LYS B 185 28.36 10.91 3.12
CA LYS B 185 29.61 10.50 2.43
C LYS B 185 30.74 10.42 3.47
N ALA B 186 30.86 11.44 4.32
CA ALA B 186 31.88 11.55 5.39
C ALA B 186 31.83 10.29 6.28
N ASP B 187 30.65 9.94 6.80
CA ASP B 187 30.45 8.79 7.73
C ASP B 187 30.76 7.48 7.00
N TYR B 188 30.38 7.36 5.72
CA TYR B 188 30.62 6.16 4.89
C TYR B 188 32.13 5.91 4.75
N GLU B 189 32.91 6.99 4.55
CA GLU B 189 34.37 6.93 4.23
C GLU B 189 35.19 6.65 5.50
N LYS B 190 34.58 6.65 6.69
CA LYS B 190 35.28 6.42 7.98
C LYS B 190 35.43 4.92 8.27
N HIS B 191 34.63 4.07 7.61
CA HIS B 191 34.56 2.61 7.89
C HIS B 191 34.86 1.81 6.61
N LYS B 192 35.28 0.56 6.77
CA LYS B 192 35.76 -0.32 5.66
C LYS B 192 34.70 -1.38 5.33
N VAL B 193 34.31 -2.20 6.32
CA VAL B 193 33.48 -3.42 6.10
C VAL B 193 32.00 -3.09 6.31
N TYR B 194 31.19 -3.29 5.28
CA TYR B 194 29.72 -3.11 5.30
C TYR B 194 29.06 -4.48 5.08
N ALA B 195 28.23 -4.89 6.05
CA ALA B 195 27.64 -6.24 6.08
C ALA B 195 26.14 -6.15 6.36
N CYS B 196 25.37 -6.91 5.58
CA CYS B 196 23.92 -7.17 5.77
C CYS B 196 23.78 -8.60 6.30
N GLU B 197 23.23 -8.79 7.50
CA GLU B 197 23.04 -10.12 8.14
C GLU B 197 21.55 -10.45 8.17
N VAL B 198 21.15 -11.56 7.54
CA VAL B 198 19.73 -11.95 7.35
C VAL B 198 19.44 -13.20 8.18
N THR B 199 18.44 -13.09 9.07
CA THR B 199 17.89 -14.20 9.88
C THR B 199 16.48 -14.49 9.34
N HIS B 200 16.21 -15.76 9.01
CA HIS B 200 14.93 -16.21 8.42
C HIS B 200 14.75 -17.70 8.71
N GLN B 201 13.50 -18.15 8.85
CA GLN B 201 13.13 -19.55 9.16
C GLN B 201 13.75 -20.52 8.15
N GLY B 202 13.91 -20.11 6.89
CA GLY B 202 14.46 -20.93 5.81
C GLY B 202 15.98 -21.06 5.86
N LEU B 203 16.64 -20.31 6.75
CA LEU B 203 18.12 -20.30 6.92
C LEU B 203 18.47 -20.92 8.27
N SER B 204 19.22 -22.02 8.27
CA SER B 204 19.62 -22.78 9.49
C SER B 204 20.57 -21.92 10.35
N SER B 205 21.28 -20.97 9.71
CA SER B 205 22.11 -19.94 10.39
C SER B 205 22.04 -18.67 9.56
N PRO B 206 22.21 -17.47 10.18
CA PRO B 206 22.12 -16.22 9.44
C PRO B 206 23.07 -16.14 8.24
N VAL B 207 22.60 -15.56 7.14
CA VAL B 207 23.39 -15.30 5.89
C VAL B 207 23.91 -13.87 5.96
N THR B 208 25.22 -13.68 5.80
CA THR B 208 25.88 -12.35 5.73
C THR B 208 26.39 -12.13 4.29
N LYS B 209 25.99 -11.01 3.69
CA LYS B 209 26.59 -10.46 2.46
C LYS B 209 27.33 -9.19 2.87
N SER B 210 28.59 -9.06 2.46
CA SER B 210 29.46 -7.95 2.91
C SER B 210 30.42 -7.54 1.80
N PHE B 211 30.96 -6.33 1.91
CA PHE B 211 31.98 -5.78 1.00
C PHE B 211 32.90 -4.84 1.78
N ASN B 212 34.11 -4.66 1.27
CA ASN B 212 35.08 -3.64 1.72
C ASN B 212 34.89 -2.39 0.85
N ARG B 213 34.71 -1.22 1.47
CA ARG B 213 34.51 0.07 0.75
C ARG B 213 35.62 0.27 -0.28
N GLY B 214 35.24 0.50 -1.54
CA GLY B 214 36.14 0.94 -2.63
C GLY B 214 36.74 -0.21 -3.42
N GLU B 215 36.44 -1.47 -3.06
CA GLU B 215 37.06 -2.66 -3.70
C GLU B 215 36.39 -2.96 -5.04
N CYS B 216 35.11 -2.62 -5.21
CA CYS B 216 34.30 -2.89 -6.43
C CYS B 216 33.15 -1.89 -6.54
#